data_2W7K
#
_entry.id   2W7K
#
_cell.length_a   61.350
_cell.length_b   105.230
_cell.length_c   56.930
_cell.angle_alpha   90.00
_cell.angle_beta   90.00
_cell.angle_gamma   90.00
#
_symmetry.space_group_name_H-M   'P 21 21 2'
#
loop_
_entity.id
_entity.type
_entity.pdbx_description
1 polymer 'SERINE HYDROXYMETHYLTRANSFERASE'
2 non-polymer SERINE
3 non-polymer "PYRIDOXAL-5'-PHOSPHATE"
4 water water
#
_entity_poly.entity_id   1
_entity_poly.type   'polypeptide(L)'
_entity_poly.pdbx_seq_one_letter_code
;MKYLPQQDPQVFAAIEQERKRQHAKIELIASENFVSRAVMEAQGSVLTNKYAEGYPGRRYAGGCEYVDIVEELARERAKQ
LFGAEHANVQPHSGAQANMAVYFTVLEHGDTVLGMNLSHGGHLTHGSPVNFSGVQYNFVAYGVDPETHVIDYDDVREKAR
LHRPKLIVAAASAYPRIIDFAKFREIADEVGAYLMVDMAHIAGLVAAGLHPNPVPYAHFVTTTTHKTLRGPRGGMILCQE
QFAKQIDKAIFPGIQGGPLMHVIAAKAVAFGEALQDDFKAYAKRVVDNAKRLASALQNEGFTLVSGGTDNHLLLVDLRPQ
QLTGKTAEKVLDEVGITVNKNTIPYDPESPFVTSGIRIGTAAVTTRGFGLEEMDEIAAIIGLVLKNVGSEQALEEARQRV
AALTD
;
_entity_poly.pdbx_strand_id   A
#
loop_
_chem_comp.id
_chem_comp.type
_chem_comp.name
_chem_comp.formula
PLP non-polymer PYRIDOXAL-5'-PHOSPHATE 'C8 H10 N O6 P'
#
# COMPACT_ATOMS: atom_id res chain seq x y z
N MET A 1 -14.14 -5.17 -24.75
CA MET A 1 -13.15 -6.04 -25.46
C MET A 1 -13.71 -6.56 -26.78
N LYS A 2 -12.82 -6.77 -27.75
CA LYS A 2 -13.22 -7.20 -29.09
C LYS A 2 -12.43 -8.42 -29.58
N TYR A 3 -11.10 -8.34 -29.50
CA TYR A 3 -10.23 -9.37 -30.06
C TYR A 3 -9.96 -10.54 -29.11
N LEU A 4 -10.04 -10.28 -27.81
CA LEU A 4 -9.81 -11.31 -26.79
C LEU A 4 -10.91 -12.38 -26.70
N PRO A 5 -12.21 -11.98 -26.78
CA PRO A 5 -13.29 -12.98 -26.75
C PRO A 5 -13.20 -14.01 -27.89
N GLN A 6 -12.75 -13.58 -29.06
CA GLN A 6 -12.59 -14.47 -30.21
C GLN A 6 -11.33 -15.32 -30.08
N GLN A 7 -10.22 -14.69 -29.68
CA GLN A 7 -8.93 -15.35 -29.57
C GLN A 7 -8.86 -16.36 -28.42
N ASP A 8 -9.29 -15.96 -27.24
CA ASP A 8 -9.14 -16.78 -26.04
C ASP A 8 -10.40 -16.75 -25.16
N PRO A 9 -11.39 -17.61 -25.48
CA PRO A 9 -12.64 -17.72 -24.72
C PRO A 9 -12.45 -18.09 -23.23
N GLN A 10 -11.44 -18.91 -22.94
CA GLN A 10 -11.16 -19.33 -21.56
C GLN A 10 -10.67 -18.19 -20.69
N VAL A 11 -9.69 -17.44 -21.18
CA VAL A 11 -9.12 -16.30 -20.47
C VAL A 11 -10.13 -15.15 -20.34
N PHE A 12 -10.86 -14.89 -21.42
CA PHE A 12 -11.89 -13.85 -21.43
C PHE A 12 -13.01 -14.12 -20.44
N ALA A 13 -13.42 -15.38 -20.32
CA ALA A 13 -14.49 -15.78 -19.39
C ALA A 13 -14.10 -15.56 -17.93
N ALA A 14 -12.83 -15.85 -17.61
CA ALA A 14 -12.31 -15.68 -16.25
C ALA A 14 -12.15 -14.20 -15.89
N ILE A 15 -11.74 -13.39 -16.86
CA ILE A 15 -11.63 -11.94 -16.69
C ILE A 15 -13.02 -11.32 -16.46
N GLU A 16 -14.00 -11.75 -17.26
CA GLU A 16 -15.38 -11.30 -17.12
C GLU A 16 -15.99 -11.68 -15.78
N GLN A 17 -15.62 -12.87 -15.28
CA GLN A 17 -16.02 -13.32 -13.95
C GLN A 17 -15.40 -12.45 -12.86
N GLU A 18 -14.13 -12.10 -13.04
CA GLU A 18 -13.41 -11.21 -12.11
C GLU A 18 -13.97 -9.79 -12.16
N ARG A 19 -14.32 -9.34 -13.37
CA ARG A 19 -14.94 -8.03 -13.58
C ARG A 19 -16.26 -7.93 -12.83
N LYS A 20 -17.08 -8.98 -12.93
CA LYS A 20 -18.38 -9.03 -12.24
C LYS A 20 -18.22 -9.23 -10.74
N ARG A 21 -17.15 -9.92 -10.33
CA ARG A 21 -16.83 -10.14 -8.93
C ARG A 21 -16.48 -8.84 -8.21
N GLN A 22 -15.64 -8.03 -8.84
CA GLN A 22 -15.21 -6.73 -8.30
C GLN A 22 -16.39 -5.77 -8.08
N HIS A 23 -17.42 -5.94 -8.90
CA HIS A 23 -18.65 -5.14 -8.80
C HIS A 23 -19.59 -5.68 -7.72
N ALA A 24 -19.69 -7.00 -7.63
CA ALA A 24 -20.61 -7.67 -6.71
C ALA A 24 -20.16 -7.63 -5.25
N LYS A 25 -18.88 -7.88 -5.00
CA LYS A 25 -18.34 -7.97 -3.64
C LYS A 25 -18.08 -6.59 -3.03
N ILE A 26 -18.03 -6.53 -1.70
CA ILE A 26 -17.58 -5.34 -0.99
C ILE A 26 -16.08 -5.49 -0.70
N GLU A 27 -15.27 -4.76 -1.46
CA GLU A 27 -13.82 -4.90 -1.42
C GLU A 27 -13.21 -4.01 -0.34
N LEU A 28 -12.77 -4.63 0.75
CA LEU A 28 -12.24 -3.92 1.91
C LEU A 28 -10.77 -4.21 2.18
N ILE A 29 -10.07 -4.78 1.19
CA ILE A 29 -8.63 -4.97 1.28
C ILE A 29 -7.94 -3.61 1.15
N ALA A 30 -7.19 -3.25 2.20
CA ALA A 30 -6.61 -1.92 2.36
C ALA A 30 -5.62 -1.53 1.26
N SER A 31 -5.02 -2.52 0.61
CA SER A 31 -4.04 -2.30 -0.44
C SER A 31 -4.66 -2.21 -1.83
N GLU A 32 -5.95 -2.52 -1.93
CA GLU A 32 -6.63 -2.56 -3.23
C GLU A 32 -7.41 -1.30 -3.55
N ASN A 33 -7.57 -1.04 -4.85
CA ASN A 33 -8.32 0.10 -5.36
C ASN A 33 -8.78 -0.16 -6.78
N PHE A 34 -9.69 0.67 -7.28
CA PHE A 34 -10.18 0.56 -8.65
C PHE A 34 -9.59 1.66 -9.52
N VAL A 35 -8.89 1.25 -10.58
CA VAL A 35 -8.29 2.21 -11.50
C VAL A 35 -9.30 2.70 -12.53
N SER A 36 -9.08 3.92 -13.01
CA SER A 36 -9.91 4.52 -14.05
C SER A 36 -9.71 3.81 -15.38
N ARG A 37 -10.67 3.96 -16.28
CA ARG A 37 -10.60 3.36 -17.60
C ARG A 37 -9.45 3.91 -18.45
N ALA A 38 -9.03 5.14 -18.16
CA ALA A 38 -7.90 5.78 -18.85
C ALA A 38 -6.56 5.14 -18.46
N VAL A 39 -6.44 4.77 -17.19
CA VAL A 39 -5.25 4.07 -16.68
C VAL A 39 -5.11 2.70 -17.36
N MET A 40 -6.22 1.98 -17.46
CA MET A 40 -6.24 0.65 -18.08
C MET A 40 -5.90 0.69 -19.57
N GLU A 41 -6.43 1.70 -20.27
CA GLU A 41 -6.16 1.88 -21.71
C GLU A 41 -4.68 2.14 -21.99
N ALA A 42 -4.03 2.83 -21.07
CA ALA A 42 -2.58 3.09 -21.16
C ALA A 42 -1.77 1.82 -20.94
N GLN A 43 -2.26 0.93 -20.08
CA GLN A 43 -1.63 -0.37 -19.84
C GLN A 43 -1.87 -1.35 -20.98
N GLY A 44 -2.95 -1.14 -21.73
CA GLY A 44 -3.27 -1.96 -22.89
C GLY A 44 -2.86 -1.31 -24.21
N SER A 45 -1.77 -0.55 -24.17
CA SER A 45 -1.26 0.14 -25.34
C SER A 45 -0.08 -0.59 -25.98
N VAL A 46 0.36 -0.11 -27.15
CA VAL A 46 1.46 -0.72 -27.90
C VAL A 46 2.85 -0.48 -27.27
N LEU A 47 2.87 0.26 -26.16
CA LEU A 47 4.12 0.62 -25.48
C LEU A 47 4.86 -0.59 -24.86
N THR A 48 4.16 -1.72 -24.77
CA THR A 48 4.77 -2.97 -24.31
C THR A 48 5.75 -3.56 -25.35
N ASN A 49 5.64 -3.09 -26.59
CA ASN A 49 6.53 -3.54 -27.68
C ASN A 49 7.93 -2.96 -27.62
N LYS A 50 8.10 -1.87 -26.87
CA LYS A 50 9.36 -1.12 -26.90
C LYS A 50 10.31 -1.43 -25.74
N TYR A 51 11.54 -1.82 -26.10
CA TYR A 51 12.63 -1.91 -25.15
C TYR A 51 13.24 -0.53 -24.93
N ALA A 52 13.15 -0.04 -23.69
CA ALA A 52 13.67 1.27 -23.34
C ALA A 52 14.63 1.20 -22.16
N GLU A 53 15.62 0.31 -22.27
CA GLU A 53 16.66 0.20 -21.25
C GLU A 53 17.44 1.50 -21.13
N GLY A 54 17.55 1.98 -19.90
CA GLY A 54 18.17 3.27 -19.63
C GLY A 54 17.13 4.27 -19.15
N TYR A 55 17.34 5.55 -19.46
CA TYR A 55 16.47 6.62 -19.00
C TYR A 55 16.22 7.65 -20.11
N PRO A 56 15.16 8.48 -19.96
CA PRO A 56 14.79 9.45 -20.99
C PRO A 56 15.97 10.28 -21.51
N GLY A 57 16.33 10.06 -22.77
CA GLY A 57 17.45 10.75 -23.40
C GLY A 57 18.73 9.92 -23.36
N ARG A 58 18.97 9.27 -22.23
CA ARG A 58 20.15 8.45 -22.04
C ARG A 58 19.81 6.96 -22.18
N ARG A 59 19.19 6.61 -23.30
CA ARG A 59 18.76 5.23 -23.57
C ARG A 59 19.86 4.40 -24.20
N TYR A 60 19.75 3.08 -24.06
CA TYR A 60 20.66 2.13 -24.68
C TYR A 60 20.04 1.48 -25.91
N ALA A 61 19.08 2.19 -26.50
CA ALA A 61 18.40 1.77 -27.72
C ALA A 61 17.78 2.97 -28.42
N GLY A 62 17.68 2.89 -29.75
CA GLY A 62 17.08 3.96 -30.54
C GLY A 62 15.57 3.81 -30.68
N GLY A 63 14.91 4.89 -31.11
CA GLY A 63 13.47 4.89 -31.31
C GLY A 63 12.67 5.14 -30.04
N CYS A 64 13.35 5.63 -29.01
CA CYS A 64 12.73 5.87 -27.70
C CYS A 64 12.20 7.30 -27.56
N GLU A 65 12.20 8.05 -28.65
CA GLU A 65 11.81 9.47 -28.66
C GLU A 65 10.50 9.78 -27.95
N TYR A 66 9.50 8.91 -28.12
CA TYR A 66 8.16 9.16 -27.61
C TYR A 66 7.90 8.53 -26.24
N VAL A 67 8.53 7.38 -25.97
CA VAL A 67 8.44 6.76 -24.65
C VAL A 67 9.23 7.56 -23.60
N ASP A 68 10.23 8.31 -24.06
CA ASP A 68 10.97 9.26 -23.22
C ASP A 68 10.03 10.34 -22.67
N ILE A 69 9.20 10.89 -23.57
CA ILE A 69 8.20 11.89 -23.20
C ILE A 69 7.27 11.35 -22.12
N VAL A 70 6.77 10.13 -22.35
CA VAL A 70 5.89 9.44 -21.42
C VAL A 70 6.52 9.30 -20.02
N GLU A 71 7.77 8.82 -19.97
CA GLU A 71 8.47 8.65 -18.70
C GLU A 71 8.74 9.99 -18.01
N GLU A 72 9.15 10.99 -18.79
CA GLU A 72 9.37 12.34 -18.28
C GLU A 72 8.08 12.95 -17.71
N LEU A 73 6.97 12.69 -18.39
CA LEU A 73 5.65 13.11 -17.88
C LEU A 73 5.33 12.44 -16.55
N ALA A 74 5.67 11.15 -16.43
CA ALA A 74 5.48 10.40 -15.20
C ALA A 74 6.37 10.91 -14.06
N ARG A 75 7.64 11.19 -14.39
CA ARG A 75 8.61 11.66 -13.41
C ARG A 75 8.31 13.08 -12.92
N GLU A 76 7.98 13.98 -13.85
CA GLU A 76 7.72 15.38 -13.51
C GLU A 76 6.41 15.59 -12.75
N ARG A 77 5.40 14.79 -13.08
CA ARG A 77 4.12 14.83 -12.36
C ARG A 77 4.26 14.34 -10.93
N ALA A 78 5.09 13.32 -10.74
CA ALA A 78 5.39 12.76 -9.42
C ALA A 78 6.17 13.75 -8.56
N LYS A 79 7.10 14.46 -9.17
CA LYS A 79 7.87 15.52 -8.50
C LYS A 79 6.96 16.69 -8.12
N GLN A 80 6.02 17.01 -9.00
CA GLN A 80 5.04 18.06 -8.76
C GLN A 80 4.05 17.64 -7.66
N LEU A 81 3.77 16.34 -7.61
CA LEU A 81 2.80 15.79 -6.66
C LEU A 81 3.33 15.70 -5.23
N PHE A 82 4.59 15.29 -5.09
CA PHE A 82 5.17 15.03 -3.76
C PHE A 82 6.26 16.02 -3.33
N GLY A 83 6.64 16.92 -4.23
CA GLY A 83 7.66 17.93 -3.94
C GLY A 83 9.06 17.34 -3.86
N ALA A 84 9.31 16.31 -4.68
CA ALA A 84 10.60 15.63 -4.68
C ALA A 84 11.54 16.22 -5.72
N GLU A 85 12.85 16.14 -5.43
CA GLU A 85 13.88 16.65 -6.34
C GLU A 85 14.17 15.67 -7.48
N HIS A 86 13.92 14.38 -7.23
CA HIS A 86 14.11 13.35 -8.23
C HIS A 86 13.10 12.21 -8.09
N ALA A 87 12.73 11.61 -9.22
CA ALA A 87 11.81 10.49 -9.24
C ALA A 87 12.29 9.38 -10.18
N ASN A 88 12.01 8.13 -9.80
CA ASN A 88 12.28 6.97 -10.65
C ASN A 88 11.00 6.15 -10.75
N VAL A 89 10.41 6.12 -11.95
CA VAL A 89 9.11 5.49 -12.17
C VAL A 89 9.20 4.11 -12.83
N GLN A 90 10.40 3.54 -12.83
CA GLN A 90 10.66 2.25 -13.47
C GLN A 90 10.47 0.98 -12.62
N PRO A 91 10.47 1.10 -11.27
CA PRO A 91 10.28 -0.11 -10.47
C PRO A 91 9.02 -0.89 -10.83
N HIS A 92 9.20 -2.19 -11.10
CA HIS A 92 8.09 -3.08 -11.47
C HIS A 92 7.09 -3.26 -10.34
N SER A 93 7.54 -3.01 -9.11
CA SER A 93 6.74 -3.21 -7.92
C SER A 93 7.29 -2.39 -6.77
N GLY A 94 6.56 -2.38 -5.65
CA GLY A 94 7.04 -1.78 -4.41
C GLY A 94 8.21 -2.57 -3.83
N ALA A 95 8.17 -3.89 -4.02
CA ALA A 95 9.24 -4.78 -3.59
C ALA A 95 10.57 -4.46 -4.28
N GLN A 96 10.51 -4.21 -5.59
CA GLN A 96 11.68 -3.84 -6.37
C GLN A 96 12.14 -2.40 -6.11
N ALA A 97 11.19 -1.53 -5.76
CA ALA A 97 11.50 -0.17 -5.36
C ALA A 97 12.32 -0.17 -4.08
N ASN A 98 11.88 -0.96 -3.10
CA ASN A 98 12.60 -1.16 -1.85
C ASN A 98 13.96 -1.82 -2.09
N MET A 99 13.97 -2.83 -2.95
CA MET A 99 15.18 -3.59 -3.30
C MET A 99 16.26 -2.70 -3.89
N ALA A 100 15.87 -1.76 -4.75
CA ALA A 100 16.82 -0.85 -5.39
C ALA A 100 17.47 0.12 -4.41
N VAL A 101 16.68 0.63 -3.46
CA VAL A 101 17.20 1.51 -2.42
C VAL A 101 18.18 0.76 -1.52
N TYR A 102 17.82 -0.47 -1.13
CA TYR A 102 18.71 -1.34 -0.36
C TYR A 102 20.00 -1.61 -1.13
N PHE A 103 19.88 -1.82 -2.44
CA PHE A 103 21.02 -2.04 -3.33
C PHE A 103 21.92 -0.81 -3.43
N THR A 104 21.33 0.37 -3.28
CA THR A 104 22.04 1.64 -3.41
C THR A 104 22.99 1.92 -2.23
N VAL A 105 22.45 1.86 -1.01
CA VAL A 105 23.16 2.34 0.18
C VAL A 105 23.78 1.27 1.08
N LEU A 106 23.46 0.00 0.80
CA LEU A 106 23.85 -1.08 1.70
C LEU A 106 24.71 -2.15 1.03
N GLU A 107 25.66 -2.67 1.80
CA GLU A 107 26.41 -3.87 1.44
C GLU A 107 25.67 -5.07 2.02
N HIS A 108 26.01 -6.27 1.56
CA HIS A 108 25.46 -7.50 2.11
C HIS A 108 25.83 -7.65 3.58
N GLY A 109 24.84 -7.94 4.41
CA GLY A 109 25.06 -8.15 5.84
C GLY A 109 24.98 -6.90 6.69
N ASP A 110 24.68 -5.76 6.07
CA ASP A 110 24.52 -4.49 6.79
C ASP A 110 23.30 -4.51 7.69
N THR A 111 23.42 -3.81 8.82
CA THR A 111 22.32 -3.70 9.78
C THR A 111 21.32 -2.64 9.33
N VAL A 112 20.05 -3.03 9.29
CA VAL A 112 18.95 -2.13 8.91
C VAL A 112 17.85 -2.22 9.97
N LEU A 113 17.30 -1.07 10.35
CA LEU A 113 16.23 -1.01 11.34
C LEU A 113 14.87 -0.73 10.68
N GLY A 114 13.97 -1.69 10.79
CA GLY A 114 12.61 -1.56 10.25
C GLY A 114 11.55 -1.85 11.28
N MET A 115 10.28 -1.65 10.90
CA MET A 115 9.16 -1.91 11.79
C MET A 115 8.90 -3.40 11.93
N ASN A 116 8.60 -3.83 13.15
CA ASN A 116 8.23 -5.22 13.44
C ASN A 116 7.08 -5.67 12.53
N LEU A 117 7.26 -6.82 11.91
CA LEU A 117 6.31 -7.35 10.92
C LEU A 117 4.96 -7.72 11.50
N SER A 118 4.95 -8.18 12.74
CA SER A 118 3.71 -8.51 13.45
C SER A 118 3.06 -7.29 14.09
N HIS A 119 3.75 -6.15 14.05
CA HIS A 119 3.26 -4.89 14.60
C HIS A 119 2.75 -3.94 13.52
N GLY A 120 2.92 -4.33 12.26
CA GLY A 120 2.46 -3.52 11.13
C GLY A 120 3.40 -3.49 9.94
N GLY A 121 4.66 -3.86 10.18
CA GLY A 121 5.71 -3.81 9.15
C GLY A 121 5.46 -4.71 7.95
N HIS A 122 6.09 -4.36 6.84
CA HIS A 122 5.93 -5.12 5.59
C HIS A 122 6.97 -6.23 5.44
N LEU A 123 6.63 -7.20 4.59
CA LEU A 123 7.49 -8.33 4.25
C LEU A 123 8.90 -7.91 3.80
N THR A 124 8.99 -6.81 3.05
CA THR A 124 10.27 -6.30 2.56
C THR A 124 11.02 -5.47 3.59
N HIS A 125 10.48 -5.39 4.81
CA HIS A 125 11.13 -4.67 5.90
C HIS A 125 11.80 -5.63 6.90
N GLY A 126 12.26 -6.77 6.40
CA GLY A 126 13.09 -7.68 7.19
C GLY A 126 12.57 -9.07 7.49
N SER A 127 11.72 -9.61 6.62
CA SER A 127 11.23 -10.98 6.77
C SER A 127 12.36 -11.97 6.48
N PRO A 128 12.54 -12.97 7.36
CA PRO A 128 13.61 -13.97 7.21
C PRO A 128 13.42 -14.90 6.01
N VAL A 129 12.23 -14.87 5.43
CA VAL A 129 11.93 -15.62 4.21
C VAL A 129 11.85 -14.69 2.98
N ASN A 130 12.14 -13.41 3.21
CA ASN A 130 12.23 -12.41 2.16
C ASN A 130 13.68 -12.01 1.94
N PHE A 131 13.98 -11.51 0.74
CA PHE A 131 15.34 -11.09 0.37
C PHE A 131 15.97 -10.12 1.37
N SER A 132 15.15 -9.26 1.95
CA SER A 132 15.62 -8.21 2.87
C SER A 132 16.25 -8.78 4.14
N GLY A 133 15.57 -9.75 4.76
CA GLY A 133 16.05 -10.39 5.98
C GLY A 133 17.20 -11.35 5.77
N VAL A 134 17.32 -11.87 4.55
CA VAL A 134 18.41 -12.78 4.19
C VAL A 134 19.65 -12.00 3.75
N GLN A 135 19.44 -10.97 2.92
CA GLN A 135 20.53 -10.16 2.40
C GLN A 135 21.12 -9.19 3.44
N TYR A 136 20.25 -8.63 4.28
CA TYR A 136 20.67 -7.64 5.27
C TYR A 136 20.29 -8.06 6.69
N ASN A 137 21.03 -7.53 7.66
CA ASN A 137 20.80 -7.82 9.07
C ASN A 137 19.73 -6.90 9.65
N PHE A 138 18.48 -7.37 9.64
CA PHE A 138 17.34 -6.55 10.05
C PHE A 138 17.02 -6.67 11.54
N VAL A 139 16.95 -5.51 12.20
CA VAL A 139 16.45 -5.41 13.56
C VAL A 139 15.12 -4.65 13.57
N ALA A 140 14.26 -4.96 14.54
CA ALA A 140 12.91 -4.42 14.56
C ALA A 140 12.64 -3.48 15.73
N TYR A 141 11.88 -2.42 15.45
CA TYR A 141 11.29 -1.60 16.50
C TYR A 141 9.78 -1.89 16.55
N GLY A 142 9.15 -1.61 17.68
CA GLY A 142 7.75 -1.96 17.86
C GLY A 142 6.82 -0.84 18.26
N VAL A 143 5.58 -1.21 18.54
CA VAL A 143 4.56 -0.28 19.03
C VAL A 143 4.29 -0.55 20.52
N ASP A 144 3.69 0.43 21.19
CA ASP A 144 3.26 0.29 22.58
C ASP A 144 2.17 -0.80 22.67
N PRO A 145 2.30 -1.72 23.65
CA PRO A 145 1.35 -2.81 23.84
C PRO A 145 -0.09 -2.37 24.11
N GLU A 146 -0.27 -1.18 24.68
CA GLU A 146 -1.60 -0.65 25.00
C GLU A 146 -2.18 0.24 23.91
N THR A 147 -1.38 1.18 23.42
CA THR A 147 -1.85 2.19 22.47
C THR A 147 -1.66 1.78 21.01
N HIS A 148 -0.73 0.85 20.80
CA HIS A 148 -0.39 0.34 19.45
C HIS A 148 0.19 1.42 18.52
N VAL A 149 0.62 2.52 19.11
CA VAL A 149 1.32 3.59 18.40
C VAL A 149 2.82 3.33 18.51
N ILE A 150 3.55 3.56 17.41
CA ILE A 150 5.00 3.39 17.36
C ILE A 150 5.68 4.00 18.60
N ASP A 151 6.42 3.16 19.32
CA ASP A 151 7.22 3.62 20.45
C ASP A 151 8.53 4.22 19.91
N TYR A 152 8.56 5.55 19.85
CA TYR A 152 9.69 6.28 19.27
C TYR A 152 10.95 6.24 20.13
N ASP A 153 10.79 5.97 21.43
CA ASP A 153 11.92 5.73 22.33
C ASP A 153 12.55 4.36 22.05
N ASP A 154 11.73 3.42 21.62
CA ASP A 154 12.20 2.10 21.21
C ASP A 154 12.95 2.16 19.88
N VAL A 155 12.44 2.98 18.95
CA VAL A 155 13.12 3.24 17.68
C VAL A 155 14.51 3.82 17.94
N ARG A 156 14.58 4.73 18.92
CA ARG A 156 15.82 5.39 19.29
C ARG A 156 16.80 4.45 19.99
N GLU A 157 16.28 3.60 20.87
CA GLU A 157 17.10 2.64 21.62
C GLU A 157 17.67 1.55 20.72
N LYS A 158 16.85 1.03 19.81
CA LYS A 158 17.27 0.01 18.86
C LYS A 158 18.32 0.56 17.89
N ALA A 159 18.17 1.82 17.50
CA ALA A 159 19.11 2.48 16.60
C ALA A 159 20.47 2.73 17.27
N ARG A 160 20.45 3.14 18.53
CA ARG A 160 21.67 3.44 19.28
C ARG A 160 22.42 2.16 19.69
N LEU A 161 21.70 1.05 19.77
CA LEU A 161 22.29 -0.23 20.14
C LEU A 161 22.86 -0.99 18.93
N HIS A 162 22.03 -1.16 17.90
CA HIS A 162 22.40 -1.97 16.74
C HIS A 162 23.19 -1.20 15.69
N ARG A 163 23.16 0.14 15.80
CA ARG A 163 23.86 1.04 14.87
C ARG A 163 23.59 0.70 13.40
N PRO A 164 22.35 0.92 12.93
CA PRO A 164 22.02 0.54 11.56
C PRO A 164 22.58 1.53 10.55
N LYS A 165 22.82 1.05 9.34
CA LYS A 165 23.25 1.90 8.23
C LYS A 165 22.03 2.61 7.64
N LEU A 166 20.87 1.95 7.75
CA LEU A 166 19.61 2.48 7.21
C LEU A 166 18.45 2.27 8.20
N ILE A 167 17.56 3.24 8.27
CA ILE A 167 16.32 3.11 9.03
C ILE A 167 15.12 3.19 8.09
N VAL A 168 14.25 2.20 8.18
CA VAL A 168 13.04 2.16 7.34
C VAL A 168 11.82 2.51 8.19
N ALA A 169 10.99 3.40 7.65
CA ALA A 169 9.74 3.80 8.29
C ALA A 169 8.56 3.50 7.37
N ALA A 170 7.38 3.33 7.97
CA ALA A 170 6.12 3.01 7.29
C ALA A 170 5.76 1.52 7.35
N ALA A 171 4.51 1.21 7.00
CA ALA A 171 3.94 -0.11 7.30
C ALA A 171 2.87 -0.57 6.31
N SER A 172 2.46 -1.83 6.48
CA SER A 172 1.37 -2.43 5.70
C SER A 172 0.04 -2.41 6.48
N ALA A 173 0.14 -2.35 7.80
CA ALA A 173 -1.05 -2.40 8.66
C ALA A 173 -0.91 -1.53 9.91
N TYR A 174 -0.58 -0.25 9.68
CA TYR A 174 -0.48 0.73 10.76
C TYR A 174 -1.50 1.85 10.55
N PRO A 175 -2.53 1.91 11.41
CA PRO A 175 -3.68 2.80 11.25
C PRO A 175 -3.44 4.25 11.70
N ARG A 176 -2.25 4.57 12.20
CA ARG A 176 -1.97 5.92 12.68
C ARG A 176 -0.97 6.69 11.80
N ILE A 177 -0.87 7.99 12.05
CA ILE A 177 0.07 8.87 11.34
C ILE A 177 1.50 8.64 11.86
N ILE A 178 2.44 8.49 10.93
CA ILE A 178 3.84 8.25 11.25
C ILE A 178 4.60 9.57 11.36
N ASP A 179 5.29 9.76 12.49
CA ASP A 179 6.08 10.95 12.73
C ASP A 179 7.45 10.82 12.05
N PHE A 180 7.54 11.33 10.83
CA PHE A 180 8.78 11.24 10.03
C PHE A 180 9.87 12.17 10.55
N ALA A 181 9.46 13.25 11.22
CA ALA A 181 10.39 14.20 11.83
C ALA A 181 11.21 13.53 12.94
N LYS A 182 10.56 12.68 13.72
CA LYS A 182 11.22 11.92 14.79
C LYS A 182 12.12 10.83 14.24
N PHE A 183 11.70 10.21 13.13
CA PHE A 183 12.50 9.18 12.45
C PHE A 183 13.81 9.73 11.88
N ARG A 184 13.76 10.93 11.32
CA ARG A 184 14.95 11.61 10.82
C ARG A 184 15.86 12.08 11.97
N GLU A 185 15.24 12.54 13.05
CA GLU A 185 15.96 12.97 14.24
C GLU A 185 16.77 11.81 14.86
N ILE A 186 16.14 10.63 14.90
CA ILE A 186 16.79 9.42 15.39
C ILE A 186 17.91 8.97 14.44
N ALA A 187 17.63 9.04 13.14
CA ALA A 187 18.60 8.66 12.10
C ALA A 187 19.84 9.56 12.11
N ASP A 188 19.64 10.85 12.35
CA ASP A 188 20.73 11.82 12.41
C ASP A 188 21.62 11.62 13.64
N GLU A 189 21.05 11.05 14.70
CA GLU A 189 21.79 10.78 15.92
C GLU A 189 22.76 9.60 15.74
N VAL A 190 22.30 8.59 15.02
CA VAL A 190 23.10 7.37 14.80
C VAL A 190 23.85 7.38 13.47
N GLY A 191 23.66 8.45 12.70
CA GLY A 191 24.31 8.62 11.39
C GLY A 191 23.84 7.60 10.37
N ALA A 192 22.54 7.44 10.27
CA ALA A 192 21.93 6.48 9.33
C ALA A 192 21.04 7.18 8.32
N TYR A 193 20.88 6.56 7.16
CA TYR A 193 19.93 7.03 6.16
C TYR A 193 18.50 6.71 6.61
N LEU A 194 17.55 7.56 6.22
CA LEU A 194 16.14 7.31 6.48
C LEU A 194 15.37 7.02 5.20
N MET A 195 14.79 5.83 5.13
CA MET A 195 13.94 5.44 4.03
C MET A 195 12.49 5.34 4.52
N VAL A 196 11.57 5.93 3.77
CA VAL A 196 10.15 5.82 4.07
C VAL A 196 9.42 5.10 2.94
N ASP A 197 8.80 3.98 3.28
CA ASP A 197 8.02 3.19 2.34
C ASP A 197 6.54 3.59 2.45
N MET A 198 6.16 4.66 1.77
CA MET A 198 4.81 5.23 1.89
C MET A 198 3.73 4.53 1.06
N ALA A 199 4.01 3.31 0.59
CA ALA A 199 3.14 2.58 -0.34
C ALA A 199 1.65 2.69 -0.05
N HIS A 200 1.27 2.49 1.22
CA HIS A 200 -0.14 2.54 1.62
C HIS A 200 -0.71 3.94 1.71
N ILE A 201 0.09 4.89 2.20
CA ILE A 201 -0.38 6.24 2.48
C ILE A 201 -0.11 7.25 1.37
N ALA A 202 0.43 6.76 0.24
CA ALA A 202 0.87 7.61 -0.86
C ALA A 202 -0.17 8.60 -1.37
N GLY A 203 -1.40 8.13 -1.58
CA GLY A 203 -2.50 8.96 -2.07
C GLY A 203 -2.95 10.00 -1.06
N LEU A 204 -2.81 9.66 0.23
CA LEU A 204 -3.17 10.57 1.32
C LEU A 204 -2.11 11.67 1.49
N VAL A 205 -0.85 11.31 1.20
CA VAL A 205 0.26 12.26 1.20
C VAL A 205 0.10 13.24 0.03
N ALA A 206 -0.31 12.71 -1.13
CA ALA A 206 -0.53 13.52 -2.33
C ALA A 206 -1.67 14.53 -2.15
N ALA A 207 -2.64 14.19 -1.31
CA ALA A 207 -3.78 15.07 -1.03
C ALA A 207 -3.55 15.97 0.19
N GLY A 208 -2.46 15.72 0.91
CA GLY A 208 -2.08 16.53 2.06
C GLY A 208 -2.84 16.21 3.34
N LEU A 209 -3.21 14.94 3.50
CA LEU A 209 -3.95 14.48 4.68
C LEU A 209 -3.07 13.62 5.57
N HIS A 210 -1.92 13.21 5.04
CA HIS A 210 -0.86 12.62 5.83
C HIS A 210 0.42 13.41 5.57
N PRO A 211 1.18 13.75 6.63
CA PRO A 211 2.47 14.42 6.51
C PRO A 211 3.36 13.83 5.43
N ASN A 212 3.98 14.69 4.64
CA ASN A 212 4.89 14.29 3.58
C ASN A 212 6.25 13.89 4.15
N PRO A 213 6.69 12.64 3.88
CA PRO A 213 8.01 12.18 4.31
C PRO A 213 9.18 12.74 3.48
N VAL A 214 8.88 13.24 2.28
CA VAL A 214 9.89 13.73 1.34
C VAL A 214 10.91 14.73 1.93
N PRO A 215 10.45 15.78 2.66
CA PRO A 215 11.41 16.70 3.28
C PRO A 215 12.27 16.09 4.39
N TYR A 216 11.88 14.90 4.87
CA TYR A 216 12.55 14.29 6.03
C TYR A 216 13.38 13.06 5.69
N ALA A 217 12.97 12.31 4.66
CA ALA A 217 13.66 11.08 4.28
C ALA A 217 14.68 11.30 3.16
N HIS A 218 15.73 10.48 3.18
CA HIS A 218 16.72 10.46 2.11
C HIS A 218 16.16 9.72 0.90
N PHE A 219 15.35 8.70 1.18
CA PHE A 219 14.69 7.92 0.14
C PHE A 219 13.23 7.69 0.51
N VAL A 220 12.35 7.85 -0.47
CA VAL A 220 10.94 7.55 -0.30
C VAL A 220 10.52 6.57 -1.40
N THR A 221 10.10 5.37 -0.98
CA THR A 221 9.57 4.38 -1.89
C THR A 221 8.06 4.29 -1.76
N THR A 222 7.41 3.79 -2.80
CA THR A 222 5.96 3.61 -2.79
C THR A 222 5.48 2.68 -3.91
N THR A 223 4.27 2.17 -3.73
CA THR A 223 3.55 1.52 -4.81
C THR A 223 2.62 2.55 -5.43
N THR A 224 2.23 2.34 -6.68
CA THR A 224 1.35 3.27 -7.38
C THR A 224 -0.11 2.83 -7.33
N HIS A 225 -0.35 1.60 -6.86
CA HIS A 225 -1.66 0.95 -6.98
C HIS A 225 -2.56 0.95 -5.73
N LYS A 226 -2.09 1.52 -4.63
CA LYS A 226 -2.87 1.55 -3.40
C LYS A 226 -3.78 2.78 -3.31
N THR A 227 -3.53 3.67 -2.34
CA THR A 227 -4.34 4.89 -2.20
C THR A 227 -4.06 5.92 -3.30
N LEU A 228 -2.94 5.75 -4.00
CA LEU A 228 -2.57 6.60 -5.13
C LEU A 228 -3.46 6.30 -6.35
N ARG A 229 -4.11 5.14 -6.32
CA ARG A 229 -5.09 4.72 -7.32
C ARG A 229 -4.54 4.66 -8.75
N GLY A 230 -3.37 4.05 -8.89
CA GLY A 230 -2.74 3.88 -10.20
C GLY A 230 -2.49 2.42 -10.55
N PRO A 231 -1.70 2.19 -11.61
CA PRO A 231 -1.40 0.83 -12.07
C PRO A 231 -0.48 0.09 -11.10
N ARG A 232 -0.41 -1.23 -11.25
CA ARG A 232 0.41 -2.06 -10.37
C ARG A 232 1.90 -1.89 -10.70
N GLY A 233 2.60 -1.20 -9.82
CA GLY A 233 4.03 -0.91 -9.98
C GLY A 233 4.61 -0.17 -8.80
N GLY A 234 5.88 0.23 -8.93
CA GLY A 234 6.58 0.95 -7.87
C GLY A 234 7.20 2.26 -8.32
N MET A 235 7.66 3.04 -7.33
CA MET A 235 8.31 4.33 -7.58
C MET A 235 9.28 4.66 -6.45
N ILE A 236 10.39 5.31 -6.81
CA ILE A 236 11.36 5.80 -5.83
C ILE A 236 11.51 7.31 -5.96
N LEU A 237 11.41 8.00 -4.82
CA LEU A 237 11.66 9.43 -4.75
C LEU A 237 12.88 9.69 -3.86
N CYS A 238 13.73 10.63 -4.28
CA CYS A 238 14.93 11.00 -3.52
C CYS A 238 15.41 12.40 -3.88
N GLN A 239 16.36 12.91 -3.10
CA GLN A 239 17.04 14.16 -3.44
C GLN A 239 18.06 13.95 -4.55
N GLU A 240 18.47 15.03 -5.20
CA GLU A 240 19.33 14.99 -6.38
C GLU A 240 20.70 14.36 -6.15
N GLN A 241 21.16 14.36 -4.90
CA GLN A 241 22.47 13.79 -4.56
C GLN A 241 22.52 12.27 -4.68
N PHE A 242 21.35 11.62 -4.56
CA PHE A 242 21.25 10.17 -4.70
C PHE A 242 20.67 9.77 -6.04
N ALA A 243 20.19 10.75 -6.80
CA ALA A 243 19.49 10.56 -8.08
C ALA A 243 20.22 9.62 -9.04
N LYS A 244 21.52 9.86 -9.21
CA LYS A 244 22.35 9.05 -10.11
C LYS A 244 22.50 7.62 -9.59
N GLN A 245 22.68 7.49 -8.28
CA GLN A 245 22.86 6.19 -7.62
C GLN A 245 21.59 5.35 -7.64
N ILE A 246 20.45 6.00 -7.42
CA ILE A 246 19.14 5.35 -7.45
C ILE A 246 18.80 4.83 -8.85
N ASP A 247 19.13 5.64 -9.86
CA ASP A 247 18.92 5.26 -11.26
C ASP A 247 19.79 4.06 -11.67
N LYS A 248 21.04 4.06 -11.20
CA LYS A 248 21.97 2.96 -11.46
C LYS A 248 21.54 1.65 -10.78
N ALA A 249 20.87 1.79 -9.65
CA ALA A 249 20.40 0.63 -8.88
C ALA A 249 19.21 -0.06 -9.55
N ILE A 250 18.34 0.72 -10.18
CA ILE A 250 17.23 0.17 -10.97
C ILE A 250 17.77 -0.44 -12.27
N PHE A 251 18.51 0.35 -13.04
CA PHE A 251 19.20 -0.15 -14.23
C PHE A 251 20.60 0.47 -14.33
N PRO A 252 21.64 -0.37 -14.52
CA PRO A 252 21.60 -1.82 -14.73
C PRO A 252 21.66 -2.69 -13.47
N GLY A 253 21.22 -2.14 -12.34
CA GLY A 253 21.35 -2.81 -11.04
C GLY A 253 20.52 -4.07 -10.85
N ILE A 254 19.20 -3.89 -10.63
CA ILE A 254 18.34 -5.02 -10.29
C ILE A 254 17.30 -5.37 -11.36
N GLN A 255 17.02 -4.44 -12.27
CA GLN A 255 16.05 -4.65 -13.33
C GLN A 255 16.69 -4.62 -14.72
N GLY A 256 15.86 -4.75 -15.75
CA GLY A 256 16.31 -4.63 -17.13
C GLY A 256 15.47 -3.60 -17.86
N GLY A 257 14.73 -4.04 -18.87
CA GLY A 257 13.81 -3.19 -19.59
C GLY A 257 12.61 -2.82 -18.75
N PRO A 258 12.28 -1.52 -18.69
CA PRO A 258 11.11 -1.05 -17.95
C PRO A 258 9.80 -1.36 -18.66
N LEU A 259 8.69 -1.27 -17.93
CA LEU A 259 7.37 -1.47 -18.51
C LEU A 259 6.79 -0.12 -18.93
N MET A 260 7.03 0.26 -20.19
CA MET A 260 6.65 1.58 -20.70
C MET A 260 5.13 1.81 -20.73
N HIS A 261 4.37 0.76 -20.96
CA HIS A 261 2.90 0.82 -20.92
C HIS A 261 2.38 1.07 -19.50
N VAL A 262 3.04 0.49 -18.51
CA VAL A 262 2.69 0.69 -17.09
C VAL A 262 3.13 2.08 -16.63
N ILE A 263 4.31 2.52 -17.09
CA ILE A 263 4.81 3.87 -16.82
C ILE A 263 3.88 4.93 -17.41
N ALA A 264 3.35 4.66 -18.60
CA ALA A 264 2.32 5.49 -19.21
C ALA A 264 1.10 5.64 -18.30
N ALA A 265 0.66 4.50 -17.75
CA ALA A 265 -0.49 4.48 -16.84
C ALA A 265 -0.18 5.14 -15.51
N LYS A 266 1.09 5.07 -15.08
CA LYS A 266 1.54 5.80 -13.90
C LYS A 266 1.39 7.30 -14.09
N ALA A 267 1.85 7.80 -15.24
CA ALA A 267 1.69 9.21 -15.61
C ALA A 267 0.22 9.65 -15.58
N VAL A 268 -0.65 8.82 -16.15
CA VAL A 268 -2.09 9.06 -16.14
C VAL A 268 -2.63 9.13 -14.71
N ALA A 269 -2.20 8.17 -13.89
CA ALA A 269 -2.58 8.12 -12.48
C ALA A 269 -2.09 9.34 -11.70
N PHE A 270 -0.86 9.79 -11.97
CA PHE A 270 -0.31 10.98 -11.33
C PHE A 270 -1.04 12.24 -11.79
N GLY A 271 -1.42 12.27 -13.07
CA GLY A 271 -2.22 13.36 -13.63
C GLY A 271 -3.56 13.49 -12.95
N GLU A 272 -4.22 12.35 -12.74
CA GLU A 272 -5.50 12.29 -12.04
C GLU A 272 -5.37 12.68 -10.57
N ALA A 273 -4.20 12.40 -9.98
CA ALA A 273 -3.92 12.72 -8.59
C ALA A 273 -3.70 14.22 -8.36
N LEU A 274 -3.19 14.90 -9.40
CA LEU A 274 -2.93 16.35 -9.34
C LEU A 274 -4.21 17.18 -9.39
N GLN A 275 -5.29 16.59 -9.92
CA GLN A 275 -6.58 17.27 -10.04
C GLN A 275 -7.25 17.45 -8.68
N ASP A 276 -8.16 18.42 -8.58
CA ASP A 276 -8.84 18.76 -7.32
C ASP A 276 -9.79 17.67 -6.82
N ASP A 277 -10.37 16.89 -7.74
CA ASP A 277 -11.31 15.84 -7.36
C ASP A 277 -10.67 14.71 -6.54
N PHE A 278 -9.41 14.41 -6.82
CA PHE A 278 -8.66 13.38 -6.10
C PHE A 278 -8.41 13.75 -4.64
N LYS A 279 -8.19 15.03 -4.38
CA LYS A 279 -8.04 15.54 -3.02
C LYS A 279 -9.35 15.43 -2.24
N ALA A 280 -10.47 15.65 -2.93
CA ALA A 280 -11.80 15.46 -2.37
C ALA A 280 -12.11 13.99 -2.15
N TYR A 281 -11.61 13.15 -3.07
CA TYR A 281 -11.73 11.70 -2.96
C TYR A 281 -10.97 11.16 -1.75
N ALA A 282 -9.71 11.54 -1.63
CA ALA A 282 -8.83 11.03 -0.58
C ALA A 282 -9.28 11.46 0.82
N LYS A 283 -9.93 12.63 0.91
CA LYS A 283 -10.49 13.09 2.18
C LYS A 283 -11.70 12.24 2.57
N ARG A 284 -12.49 11.84 1.57
CA ARG A 284 -13.63 10.95 1.78
C ARG A 284 -13.18 9.56 2.23
N VAL A 285 -12.04 9.09 1.69
CA VAL A 285 -11.43 7.84 2.11
C VAL A 285 -11.12 7.88 3.61
N VAL A 286 -10.47 8.96 4.04
CA VAL A 286 -10.15 9.20 5.44
C VAL A 286 -11.42 9.36 6.29
N ASP A 287 -12.38 10.13 5.78
CA ASP A 287 -13.66 10.33 6.47
C ASP A 287 -14.44 9.02 6.61
N ASN A 288 -14.44 8.21 5.55
CA ASN A 288 -15.09 6.91 5.55
C ASN A 288 -14.44 5.91 6.49
N ALA A 289 -13.11 5.97 6.59
CA ALA A 289 -12.34 5.11 7.49
C ALA A 289 -12.61 5.44 8.95
N LYS A 290 -12.70 6.74 9.26
CA LYS A 290 -13.09 7.21 10.61
C LYS A 290 -14.50 6.79 10.97
N ARG A 291 -15.42 6.93 10.02
CA ARG A 291 -16.82 6.56 10.22
C ARG A 291 -16.99 5.06 10.42
N LEU A 292 -16.26 4.26 9.63
CA LEU A 292 -16.31 2.81 9.72
C LEU A 292 -15.70 2.32 11.04
N ALA A 293 -14.61 2.96 11.46
CA ALA A 293 -13.95 2.65 12.72
C ALA A 293 -14.87 2.92 13.91
N SER A 294 -15.49 4.10 13.91
CA SER A 294 -16.43 4.49 14.96
C SER A 294 -17.67 3.59 15.00
N ALA A 295 -18.14 3.18 13.82
CA ALA A 295 -19.33 2.32 13.71
C ALA A 295 -19.08 0.88 14.15
N LEU A 296 -17.86 0.39 13.94
CA LEU A 296 -17.48 -0.96 14.39
C LEU A 296 -17.34 -1.03 15.90
N GLN A 297 -16.83 0.05 16.50
CA GLN A 297 -16.75 0.18 17.95
C GLN A 297 -18.16 0.23 18.56
N ASN A 298 -19.05 0.93 17.88
CA ASN A 298 -20.48 0.98 18.23
C ASN A 298 -21.11 -0.42 18.23
N GLU A 299 -20.63 -1.28 17.32
CA GLU A 299 -21.08 -2.68 17.25
C GLU A 299 -20.46 -3.56 18.34
N GLY A 300 -19.42 -3.05 18.99
CA GLY A 300 -18.78 -3.75 20.10
C GLY A 300 -17.40 -4.32 19.80
N PHE A 301 -16.82 -3.89 18.67
CA PHE A 301 -15.49 -4.36 18.28
C PHE A 301 -14.37 -3.51 18.88
N THR A 302 -13.28 -4.18 19.25
CA THR A 302 -12.07 -3.51 19.71
C THR A 302 -11.15 -3.27 18.51
N LEU A 303 -10.65 -2.06 18.38
CA LEU A 303 -9.76 -1.70 17.28
C LEU A 303 -8.33 -1.47 17.76
N VAL A 304 -7.38 -1.84 16.91
CA VAL A 304 -5.97 -1.60 17.16
C VAL A 304 -5.69 -0.10 17.06
N SER A 305 -5.04 0.44 18.09
CA SER A 305 -4.79 1.88 18.27
C SER A 305 -6.01 2.68 18.71
N GLY A 306 -7.16 2.00 18.80
CA GLY A 306 -8.42 2.63 19.22
C GLY A 306 -9.05 3.49 18.13
N GLY A 307 -8.83 3.11 16.87
CA GLY A 307 -9.37 3.83 15.73
C GLY A 307 -8.37 3.92 14.59
N THR A 308 -8.43 5.02 13.84
CA THR A 308 -7.54 5.24 12.70
C THR A 308 -7.30 6.71 12.39
N ASP A 309 -6.20 6.98 11.69
CA ASP A 309 -5.82 8.32 11.25
C ASP A 309 -5.70 8.36 9.72
N ASN A 310 -5.76 7.18 9.11
CA ASN A 310 -5.56 7.05 7.66
C ASN A 310 -6.70 6.31 6.96
N HIS A 311 -6.35 5.44 6.02
CA HIS A 311 -7.31 4.73 5.17
C HIS A 311 -7.71 3.36 5.73
N LEU A 312 -6.88 2.81 6.61
CA LEU A 312 -7.08 1.45 7.10
C LEU A 312 -7.30 1.33 8.61
N LEU A 313 -7.90 0.22 9.03
CA LEU A 313 -8.08 -0.10 10.43
C LEU A 313 -7.82 -1.59 10.69
N LEU A 314 -7.50 -1.92 11.93
CA LEU A 314 -7.32 -3.31 12.35
C LEU A 314 -8.26 -3.68 13.49
N VAL A 315 -9.06 -4.72 13.27
CA VAL A 315 -10.00 -5.20 14.27
C VAL A 315 -9.35 -6.27 15.15
N ASP A 316 -9.25 -5.98 16.45
CA ASP A 316 -8.81 -6.97 17.44
C ASP A 316 -9.99 -7.89 17.74
N LEU A 317 -9.91 -9.13 17.28
CA LEU A 317 -11.03 -10.08 17.36
C LEU A 317 -11.01 -10.96 18.61
N ARG A 318 -10.04 -10.74 19.48
CA ARG A 318 -9.89 -11.51 20.72
C ARG A 318 -11.10 -11.47 21.68
N PRO A 319 -11.74 -10.28 21.85
CA PRO A 319 -12.96 -10.24 22.68
C PRO A 319 -14.08 -11.15 22.17
N GLN A 320 -14.19 -11.29 20.84
CA GLN A 320 -15.18 -12.18 20.23
C GLN A 320 -14.71 -13.63 20.16
N GLN A 321 -13.52 -13.88 20.70
CA GLN A 321 -12.86 -15.20 20.65
C GLN A 321 -12.80 -15.79 19.25
N LEU A 322 -12.51 -14.93 18.27
CA LEU A 322 -12.38 -15.34 16.88
C LEU A 322 -10.98 -15.06 16.36
N THR A 323 -10.52 -15.91 15.45
CA THR A 323 -9.26 -15.69 14.76
C THR A 323 -9.52 -14.87 13.50
N GLY A 324 -8.47 -14.27 12.94
CA GLY A 324 -8.57 -13.54 11.68
C GLY A 324 -8.95 -14.45 10.53
N LYS A 325 -8.43 -15.69 10.59
CA LYS A 325 -8.71 -16.72 9.60
C LYS A 325 -10.21 -17.05 9.53
N THR A 326 -10.82 -17.25 10.70
CA THR A 326 -12.25 -17.54 10.80
C THR A 326 -13.10 -16.38 10.29
N ALA A 327 -12.75 -15.16 10.71
CA ALA A 327 -13.45 -13.95 10.29
C ALA A 327 -13.35 -13.73 8.78
N GLU A 328 -12.15 -13.94 8.23
CA GLU A 328 -11.90 -13.84 6.80
C GLU A 328 -12.76 -14.83 6.00
N LYS A 329 -12.86 -16.04 6.52
CA LYS A 329 -13.61 -17.13 5.87
C LYS A 329 -15.11 -16.84 5.83
N VAL A 330 -15.68 -16.45 6.97
CA VAL A 330 -17.13 -16.24 7.09
C VAL A 330 -17.62 -14.98 6.36
N LEU A 331 -16.78 -13.95 6.30
CA LEU A 331 -17.11 -12.72 5.57
C LEU A 331 -17.02 -12.93 4.06
N ASP A 332 -16.14 -13.83 3.63
CA ASP A 332 -16.05 -14.25 2.24
C ASP A 332 -17.33 -14.94 1.77
N GLU A 333 -17.97 -15.65 2.70
CA GLU A 333 -19.23 -16.36 2.43
C GLU A 333 -20.40 -15.40 2.14
N VAL A 334 -20.34 -14.21 2.74
CA VAL A 334 -21.42 -13.22 2.59
C VAL A 334 -21.11 -12.12 1.57
N GLY A 335 -19.90 -12.14 1.02
CA GLY A 335 -19.52 -11.22 -0.05
C GLY A 335 -18.70 -10.01 0.38
N ILE A 336 -18.06 -10.09 1.54
CA ILE A 336 -17.18 -9.03 2.03
C ILE A 336 -15.74 -9.53 2.02
N THR A 337 -14.88 -8.81 1.29
CA THR A 337 -13.50 -9.22 1.12
C THR A 337 -12.55 -8.50 2.07
N VAL A 338 -12.03 -9.24 3.05
CA VAL A 338 -11.02 -8.75 3.97
C VAL A 338 -9.78 -9.66 3.89
N ASN A 339 -8.77 -9.35 4.69
CA ASN A 339 -7.66 -10.28 4.88
C ASN A 339 -7.26 -10.40 6.34
N LYS A 340 -7.03 -11.64 6.77
CA LYS A 340 -6.49 -11.92 8.10
C LYS A 340 -5.17 -11.17 8.29
N ASN A 341 -4.99 -10.58 9.46
CA ASN A 341 -3.82 -9.77 9.74
C ASN A 341 -3.40 -9.90 11.20
N THR A 342 -2.09 -10.07 11.43
CA THR A 342 -1.55 -10.12 12.77
C THR A 342 -1.76 -8.78 13.45
N ILE A 343 -2.18 -8.82 14.71
CA ILE A 343 -2.28 -7.62 15.53
C ILE A 343 -1.00 -7.52 16.36
N PRO A 344 -0.63 -6.30 16.79
CA PRO A 344 0.55 -6.18 17.66
C PRO A 344 0.46 -7.12 18.87
N TYR A 345 1.55 -7.85 19.11
CA TYR A 345 1.64 -8.84 20.21
C TYR A 345 0.59 -9.94 20.09
N ASP A 346 0.42 -10.44 18.86
CA ASP A 346 -0.55 -11.50 18.55
C ASP A 346 -0.11 -12.82 19.16
N PRO A 347 -1.00 -13.47 19.94
CA PRO A 347 -0.73 -14.82 20.45
C PRO A 347 -0.84 -15.91 19.37
N GLU A 348 -1.38 -15.55 18.21
CA GLU A 348 -1.54 -16.47 17.10
C GLU A 348 -0.46 -16.26 16.02
N SER A 349 -0.19 -17.32 15.26
CA SER A 349 0.76 -17.27 14.15
C SER A 349 0.24 -16.38 13.00
N PRO A 350 1.15 -15.88 12.13
CA PRO A 350 0.77 -15.07 10.98
C PRO A 350 -0.18 -15.75 9.99
N PHE A 351 -0.35 -17.07 10.13
CA PHE A 351 -1.22 -17.85 9.25
C PHE A 351 -2.62 -18.05 9.85
N VAL A 352 -2.78 -17.69 11.12
CA VAL A 352 -4.08 -17.79 11.80
C VAL A 352 -4.56 -16.38 12.20
N THR A 353 -3.72 -15.68 12.96
CA THR A 353 -3.93 -14.28 13.39
C THR A 353 -5.11 -14.06 14.34
N SER A 354 -5.16 -12.89 14.97
CA SER A 354 -6.25 -12.52 15.86
C SER A 354 -7.01 -11.29 15.36
N GLY A 355 -6.75 -10.90 14.11
CA GLY A 355 -7.36 -9.69 13.55
C GLY A 355 -7.61 -9.69 12.07
N ILE A 356 -8.41 -8.72 11.62
CA ILE A 356 -8.65 -8.49 10.20
C ILE A 356 -8.30 -7.05 9.82
N ARG A 357 -7.68 -6.88 8.66
CA ARG A 357 -7.32 -5.56 8.15
C ARG A 357 -8.40 -5.07 7.17
N ILE A 358 -8.88 -3.85 7.40
CA ILE A 358 -9.94 -3.27 6.57
C ILE A 358 -9.53 -1.88 6.07
N GLY A 359 -9.71 -1.66 4.76
CA GLY A 359 -9.45 -0.36 4.15
C GLY A 359 -10.66 0.18 3.40
N THR A 360 -10.72 1.49 3.23
CA THR A 360 -11.86 2.16 2.61
C THR A 360 -11.58 2.72 1.21
N ALA A 361 -10.32 2.65 0.77
CA ALA A 361 -9.90 3.23 -0.51
C ALA A 361 -10.69 2.72 -1.72
N ALA A 362 -11.01 1.43 -1.72
CA ALA A 362 -11.72 0.81 -2.84
C ALA A 362 -13.20 1.20 -2.90
N VAL A 363 -13.88 1.07 -1.77
CA VAL A 363 -15.32 1.38 -1.69
C VAL A 363 -15.62 2.87 -1.91
N THR A 364 -14.68 3.74 -1.53
CA THR A 364 -14.82 5.19 -1.73
C THR A 364 -14.72 5.58 -3.21
N THR A 365 -13.88 4.86 -3.96
CA THR A 365 -13.78 5.03 -5.41
C THR A 365 -15.11 4.71 -6.09
N ARG A 366 -15.81 3.70 -5.56
CA ARG A 366 -17.12 3.29 -6.06
C ARG A 366 -18.19 4.36 -5.88
N GLY A 367 -18.14 5.07 -4.75
CA GLY A 367 -19.12 6.10 -4.42
C GLY A 367 -19.68 5.97 -3.01
N PHE A 368 -19.13 5.02 -2.25
CA PHE A 368 -19.55 4.76 -0.87
C PHE A 368 -19.21 5.93 0.03
N GLY A 369 -20.17 6.31 0.88
CA GLY A 369 -19.99 7.41 1.82
C GLY A 369 -20.26 6.98 3.25
N LEU A 370 -20.44 7.97 4.13
CA LEU A 370 -20.61 7.74 5.57
C LEU A 370 -21.78 6.80 5.91
N GLU A 371 -22.87 6.92 5.17
CA GLU A 371 -24.05 6.07 5.35
C GLU A 371 -23.75 4.60 5.07
N GLU A 372 -23.02 4.36 3.98
CA GLU A 372 -22.62 3.01 3.58
C GLU A 372 -21.64 2.39 4.56
N MET A 373 -20.83 3.24 5.21
CA MET A 373 -19.89 2.79 6.24
C MET A 373 -20.62 2.24 7.47
N ASP A 374 -21.71 2.90 7.84
CA ASP A 374 -22.56 2.45 8.94
C ASP A 374 -23.18 1.08 8.67
N GLU A 375 -23.58 0.87 7.42
CA GLU A 375 -24.19 -0.40 7.00
C GLU A 375 -23.17 -1.54 6.92
N ILE A 376 -22.00 -1.25 6.33
CA ILE A 376 -20.91 -2.23 6.25
C ILE A 376 -20.52 -2.76 7.63
N ALA A 377 -20.38 -1.85 8.59
CA ALA A 377 -20.05 -2.20 9.97
C ALA A 377 -21.17 -2.99 10.65
N ALA A 378 -22.42 -2.67 10.30
CA ALA A 378 -23.58 -3.37 10.82
C ALA A 378 -23.63 -4.82 10.32
N ILE A 379 -23.28 -5.02 9.05
CA ILE A 379 -23.21 -6.36 8.45
C ILE A 379 -22.11 -7.20 9.11
N ILE A 380 -20.93 -6.59 9.29
CA ILE A 380 -19.80 -7.24 9.96
C ILE A 380 -20.20 -7.69 11.38
N GLY A 381 -20.93 -6.84 12.09
CA GLY A 381 -21.46 -7.16 13.41
C GLY A 381 -22.40 -8.37 13.38
N LEU A 382 -23.33 -8.36 12.42
CA LEU A 382 -24.28 -9.46 12.24
C LEU A 382 -23.59 -10.79 11.95
N VAL A 383 -22.55 -10.74 11.11
CA VAL A 383 -21.81 -11.94 10.69
C VAL A 383 -20.96 -12.51 11.83
N LEU A 384 -20.11 -11.68 12.43
CA LEU A 384 -19.12 -12.14 13.41
C LEU A 384 -19.69 -12.45 14.78
N LYS A 385 -20.83 -11.86 15.11
CA LYS A 385 -21.52 -12.15 16.37
C LYS A 385 -22.50 -13.33 16.23
N ASN A 386 -22.69 -13.79 14.99
CA ASN A 386 -23.55 -14.93 14.69
C ASN A 386 -22.92 -15.84 13.63
N VAL A 387 -21.72 -16.33 13.92
CA VAL A 387 -20.94 -17.15 12.97
C VAL A 387 -21.60 -18.52 12.69
N GLY A 388 -22.28 -19.06 13.71
CA GLY A 388 -22.92 -20.37 13.58
C GLY A 388 -24.32 -20.36 12.99
N SER A 389 -24.85 -19.17 12.72
CA SER A 389 -26.22 -19.02 12.22
C SER A 389 -26.25 -18.73 10.72
N GLU A 390 -26.79 -19.66 9.95
CA GLU A 390 -26.90 -19.52 8.50
C GLU A 390 -27.97 -18.52 8.06
N GLN A 391 -28.97 -18.29 8.92
CA GLN A 391 -30.03 -17.33 8.66
C GLN A 391 -29.51 -15.88 8.75
N ALA A 392 -28.53 -15.65 9.61
CA ALA A 392 -27.89 -14.35 9.75
C ALA A 392 -26.95 -14.06 8.58
N LEU A 393 -26.29 -15.11 8.09
CA LEU A 393 -25.37 -14.99 6.95
C LEU A 393 -26.12 -14.79 5.64
N GLU A 394 -27.34 -15.33 5.56
CA GLU A 394 -28.23 -15.10 4.43
C GLU A 394 -28.75 -13.67 4.44
N GLU A 395 -29.08 -13.18 5.64
CA GLU A 395 -29.50 -11.80 5.85
C GLU A 395 -28.37 -10.84 5.48
N ALA A 396 -27.16 -11.19 5.89
CA ALA A 396 -25.96 -10.42 5.55
C ALA A 396 -25.69 -10.44 4.04
N ARG A 397 -25.88 -11.62 3.43
CA ARG A 397 -25.68 -11.81 1.99
C ARG A 397 -26.57 -10.88 1.15
N GLN A 398 -27.82 -10.73 1.59
CA GLN A 398 -28.79 -9.86 0.91
C GLN A 398 -28.50 -8.37 1.12
N ARG A 399 -28.00 -8.04 2.31
CA ARG A 399 -27.66 -6.65 2.65
C ARG A 399 -26.40 -6.16 1.95
N VAL A 400 -25.47 -7.09 1.69
CA VAL A 400 -24.29 -6.82 0.87
C VAL A 400 -24.71 -6.57 -0.57
N ALA A 401 -25.63 -7.40 -1.08
CA ALA A 401 -26.15 -7.27 -2.44
C ALA A 401 -26.90 -5.96 -2.67
N ALA A 402 -27.56 -5.47 -1.62
CA ALA A 402 -28.30 -4.20 -1.68
C ALA A 402 -27.37 -2.99 -1.77
N LEU A 403 -26.20 -3.08 -1.13
CA LEU A 403 -25.21 -2.01 -1.16
C LEU A 403 -24.52 -1.89 -2.52
N THR A 404 -24.31 -3.03 -3.17
CA THR A 404 -23.64 -3.07 -4.47
C THR A 404 -24.64 -3.09 -5.63
N ASP A 405 -25.69 -2.27 -5.51
CA ASP A 405 -26.76 -2.11 -6.51
C ASP A 405 -27.68 -3.33 -6.60
N SER B . 1.45 -4.56 0.43
CA SER B . 0.74 -5.79 0.75
C SER B . -0.69 -5.49 1.17
O SER B . -0.92 -4.50 1.86
CB SER B . 1.45 -6.56 1.86
OG SER B . 2.14 -7.69 1.35
OXT SER B . -1.61 -6.23 0.83
N1 PLP C . 5.54 -1.65 0.48
C2 PLP C . 4.50 -1.80 1.38
C2A PLP C . 4.46 -0.94 2.62
C3 PLP C . 3.49 -2.74 1.13
O3 PLP C . 2.46 -2.87 2.03
C4 PLP C . 3.54 -3.53 -0.02
C4A PLP C . 2.46 -4.54 -0.28
C5 PLP C . 4.61 -3.38 -0.92
C6 PLP C . 5.60 -2.43 -0.66
C5A PLP C . 4.93 -4.46 -1.93
O4P PLP C . 4.53 -4.03 -3.21
P PLP C . 4.30 -5.09 -4.40
O1P PLP C . 5.57 -5.88 -4.62
O2P PLP C . 3.17 -6.03 -4.00
O3P PLP C . 3.94 -4.34 -5.66
#